data_6JJC
#
_entry.id   6JJC
#
loop_
_entity.id
_entity.type
_entity.pdbx_description
1 polymer 'Capsid protein'
2 non-polymer 'CALCIUM ION'
#
_entity_poly.entity_id   1
_entity_poly.type   'polypeptide(L)'
_entity_poly.pdbx_seq_one_letter_code
;MARGKQNSNQIQNNSNANGKRRKRNRRNRNPQTVPNFNPIVAKPTVAPLQTNIRSARSDVNAITVLNGSDFLTTVKVRGS
NNLIDSKSRILVKQPISASSFLGTRISGLSQFWERYRWHKAAVRYVPAVPNTLACQLIGYIDTDPLDDPNVILDVDQLLR
QATSQVGARQWNFSDTTTIPLIVRRDDQLYYTGQDKENVRFSQQGVFYLLQVTTLLNISGEAITNDLISGSLYLDWVCGF
SMPQINPSPVEVSQLTYNADTIGNWVPPTELKQTYTQDITGLKPNSKFIIIPYMDRVSSEVLQKCTITCNEVDAVGSISY
SDTSAIKCDGYILFQANSIGEATFTLVTDYQGAVDPKPYQYRIIRAIVGNN
;
_entity_poly.pdbx_strand_id   A,B,C
#
loop_
_chem_comp.id
_chem_comp.type
_chem_comp.name
_chem_comp.formula
CA non-polymer 'CALCIUM ION' 'Ca 2'
#
# COMPACT_ATOMS: atom_id res chain seq x y z
N ALA A 56 -12.73 -32.99 -6.23
CA ALA A 56 -12.50 -32.99 -4.75
C ALA A 56 -11.19 -32.27 -4.40
N ARG A 57 -10.27 -32.21 -5.36
CA ARG A 57 -8.97 -31.59 -5.17
C ARG A 57 -8.80 -30.37 -6.08
N SER A 58 -9.85 -29.56 -6.18
CA SER A 58 -9.77 -28.35 -6.98
C SER A 58 -8.74 -27.40 -6.39
N ASP A 59 -8.07 -26.65 -7.27
CA ASP A 59 -7.07 -25.67 -6.87
C ASP A 59 -7.57 -24.24 -7.04
N VAL A 60 -8.81 -24.06 -7.49
CA VAL A 60 -9.31 -22.72 -7.74
C VAL A 60 -9.53 -21.97 -6.43
N ASN A 61 -9.66 -20.65 -6.53
CA ASN A 61 -9.91 -19.78 -5.40
C ASN A 61 -11.20 -19.03 -5.66
N ALA A 62 -12.15 -19.15 -4.74
CA ALA A 62 -13.44 -18.49 -4.84
C ALA A 62 -13.74 -17.74 -3.56
N ILE A 63 -14.72 -16.84 -3.64
CA ILE A 63 -15.17 -16.07 -2.49
C ILE A 63 -16.27 -16.85 -1.78
N THR A 64 -16.00 -17.26 -0.54
CA THR A 64 -16.97 -17.97 0.27
C THR A 64 -17.60 -16.95 1.21
N VAL A 65 -18.63 -16.27 0.72
CA VAL A 65 -19.34 -15.28 1.53
C VAL A 65 -20.29 -16.03 2.47
N LEU A 66 -20.25 -15.65 3.75
CA LEU A 66 -21.05 -16.33 4.76
C LEU A 66 -21.40 -15.34 5.86
N ASN A 67 -22.55 -15.56 6.48
CA ASN A 67 -23.13 -14.64 7.45
C ASN A 67 -22.88 -15.14 8.87
N GLY A 68 -23.23 -14.29 9.82
CA GLY A 68 -23.13 -14.67 11.22
C GLY A 68 -23.33 -13.48 12.11
N SER A 69 -23.24 -13.73 13.41
CA SER A 69 -23.28 -12.70 14.44
C SER A 69 -22.37 -13.12 15.58
N ASP A 70 -21.85 -12.13 16.31
CA ASP A 70 -20.86 -12.41 17.33
C ASP A 70 -20.91 -11.34 18.40
N PHE A 71 -20.41 -11.70 19.59
CA PHE A 71 -20.43 -10.84 20.76
C PHE A 71 -19.06 -10.22 20.95
N LEU A 72 -19.03 -8.90 21.14
CA LEU A 72 -17.77 -8.15 21.18
C LEU A 72 -17.25 -7.97 22.61
N THR A 73 -18.01 -7.27 23.45
CA THR A 73 -17.58 -6.93 24.80
C THR A 73 -18.70 -6.13 25.45
N THR A 74 -18.56 -5.90 26.75
CA THR A 74 -19.53 -5.10 27.50
C THR A 74 -19.03 -3.67 27.58
N VAL A 75 -19.92 -2.72 27.30
CA VAL A 75 -19.58 -1.31 27.36
C VAL A 75 -19.63 -0.83 28.81
N LYS A 76 -18.93 0.27 29.09
CA LYS A 76 -18.85 0.83 30.43
C LYS A 76 -18.71 2.34 30.31
N VAL A 77 -19.76 3.08 30.63
CA VAL A 77 -19.67 4.53 30.68
C VAL A 77 -18.73 4.92 31.81
N ARG A 78 -18.11 6.09 31.67
CA ARG A 78 -16.95 6.40 32.49
C ARG A 78 -17.32 7.09 33.80
N GLY A 79 -18.42 7.82 33.84
CA GLY A 79 -18.86 8.50 35.04
C GLY A 79 -18.33 9.92 35.13
N SER A 80 -18.36 10.44 36.34
CA SER A 80 -17.94 11.83 36.58
C SER A 80 -16.47 11.92 36.98
N ASN A 81 -16.07 11.16 38.00
CA ASN A 81 -14.71 11.26 38.51
C ASN A 81 -13.68 10.88 37.46
N ASN A 82 -13.94 9.80 36.72
CA ASN A 82 -12.96 9.31 35.76
C ASN A 82 -12.96 10.16 34.49
N LEU A 83 -14.09 10.74 34.12
CA LEU A 83 -14.19 11.59 32.93
C LEU A 83 -13.65 12.97 33.29
N ILE A 84 -12.37 13.20 33.00
CA ILE A 84 -11.70 14.45 33.37
C ILE A 84 -10.91 15.02 32.20
N ASP A 85 -11.14 14.50 31.00
CA ASP A 85 -10.42 14.96 29.81
C ASP A 85 -11.14 14.42 28.58
N SER A 86 -10.52 14.59 27.42
CA SER A 86 -11.14 14.20 26.16
C SER A 86 -10.86 12.75 25.80
N LYS A 87 -9.71 12.21 26.19
CA LYS A 87 -9.41 10.81 25.90
C LYS A 87 -10.16 9.88 26.83
N SER A 88 -10.57 10.38 28.01
CA SER A 88 -11.39 9.58 28.90
C SER A 88 -12.76 9.29 28.30
N ARG A 89 -13.23 10.16 27.40
CA ARG A 89 -14.53 9.96 26.77
C ARG A 89 -14.50 8.87 25.71
N ILE A 90 -13.33 8.33 25.39
CA ILE A 90 -13.22 7.23 24.45
C ILE A 90 -13.33 5.95 25.25
N LEU A 91 -14.53 5.35 25.25
CA LEU A 91 -14.78 4.15 26.03
C LEU A 91 -14.30 2.89 25.33
N VAL A 92 -14.44 2.83 24.01
CA VAL A 92 -14.13 1.63 23.24
C VAL A 92 -13.26 2.01 22.06
N LYS A 93 -12.08 1.40 21.97
CA LYS A 93 -11.25 1.42 20.77
C LYS A 93 -11.12 -0.04 20.38
N GLN A 94 -12.02 -0.50 19.50
CA GLN A 94 -12.12 -1.92 19.17
C GLN A 94 -11.97 -2.10 17.66
N PRO A 95 -10.84 -2.61 17.18
CA PRO A 95 -10.73 -2.91 15.75
C PRO A 95 -11.84 -3.83 15.29
N ILE A 96 -12.19 -3.69 14.01
CA ILE A 96 -13.23 -4.50 13.40
C ILE A 96 -12.62 -5.52 12.43
N SER A 97 -11.33 -5.79 12.57
CA SER A 97 -10.72 -6.88 11.85
C SER A 97 -11.35 -8.20 12.28
N ALA A 98 -11.57 -9.10 11.32
CA ALA A 98 -12.25 -10.35 11.60
C ALA A 98 -11.56 -11.12 12.72
N SER A 99 -10.24 -10.98 12.84
CA SER A 99 -9.46 -11.73 13.81
C SER A 99 -9.16 -10.94 15.07
N SER A 100 -10.07 -10.07 15.50
CA SER A 100 -9.87 -9.27 16.69
C SER A 100 -10.59 -9.82 17.91
N PHE A 101 -11.50 -10.77 17.73
CA PHE A 101 -12.31 -11.32 18.82
C PHE A 101 -12.04 -12.82 18.88
N LEU A 102 -11.21 -13.21 19.85
CA LEU A 102 -10.64 -14.56 19.88
C LEU A 102 -11.72 -15.64 19.89
N GLY A 103 -12.53 -15.68 20.96
CA GLY A 103 -13.48 -16.75 21.13
C GLY A 103 -14.71 -16.69 20.25
N THR A 104 -14.73 -15.79 19.26
CA THR A 104 -15.90 -15.66 18.41
C THR A 104 -15.82 -16.61 17.23
N ARG A 105 -16.91 -16.61 16.45
CA ARG A 105 -16.96 -17.38 15.22
C ARG A 105 -16.26 -16.66 14.08
N ILE A 106 -16.33 -15.33 14.05
CA ILE A 106 -15.73 -14.56 12.97
C ILE A 106 -14.22 -14.75 12.96
N SER A 107 -13.58 -14.65 14.13
CA SER A 107 -12.12 -14.79 14.18
C SER A 107 -11.70 -16.23 13.89
N GLY A 108 -12.43 -17.20 14.42
CA GLY A 108 -12.19 -18.58 14.10
C GLY A 108 -12.16 -18.79 12.60
N LEU A 109 -13.26 -18.42 11.93
CA LEU A 109 -13.31 -18.57 10.48
C LEU A 109 -12.16 -17.82 9.81
N SER A 110 -11.90 -16.59 10.26
CA SER A 110 -10.82 -15.80 9.69
C SER A 110 -9.51 -16.59 9.69
N GLN A 111 -9.21 -17.25 10.81
CA GLN A 111 -7.97 -18.02 10.92
C GLN A 111 -7.81 -19.02 9.79
N PHE A 112 -8.89 -19.37 9.09
CA PHE A 112 -8.86 -20.39 8.05
C PHE A 112 -8.93 -19.77 6.65
N TRP A 113 -8.62 -18.49 6.54
CA TRP A 113 -8.51 -17.82 5.25
C TRP A 113 -7.45 -16.74 5.34
N GLU A 114 -6.91 -16.36 4.20
CA GLU A 114 -5.86 -15.34 4.15
C GLU A 114 -6.42 -13.93 4.06
N ARG A 115 -7.45 -13.73 3.27
CA ARG A 115 -7.98 -12.40 3.02
C ARG A 115 -9.47 -12.35 3.33
N TYR A 116 -9.97 -11.14 3.52
CA TYR A 116 -11.36 -10.94 3.89
C TYR A 116 -11.82 -9.59 3.38
N ARG A 117 -13.13 -9.40 3.37
CA ARG A 117 -13.74 -8.13 3.01
C ARG A 117 -15.17 -8.05 3.53
N TRP A 118 -15.41 -7.14 4.45
CA TRP A 118 -16.77 -6.91 4.93
C TRP A 118 -17.67 -6.54 3.77
N HIS A 119 -18.69 -7.35 3.51
CA HIS A 119 -19.69 -6.99 2.52
C HIS A 119 -20.79 -6.13 3.14
N LYS A 120 -21.26 -6.52 4.32
CA LYS A 120 -22.26 -5.74 5.04
C LYS A 120 -22.10 -6.06 6.52
N ALA A 121 -21.44 -5.16 7.25
CA ALA A 121 -21.25 -5.29 8.68
C ALA A 121 -22.01 -4.20 9.42
N ALA A 122 -22.22 -4.42 10.71
CA ALA A 122 -22.96 -3.48 11.53
C ALA A 122 -22.73 -3.82 13.00
N VAL A 123 -22.31 -2.83 13.77
CA VAL A 123 -22.13 -2.98 15.20
C VAL A 123 -23.42 -2.57 15.89
N ARG A 124 -23.94 -3.44 16.74
CA ARG A 124 -25.22 -3.25 17.41
C ARG A 124 -25.00 -3.03 18.89
N TYR A 125 -25.70 -2.06 19.45
CA TYR A 125 -25.65 -1.77 20.88
C TYR A 125 -26.92 -2.25 21.55
N VAL A 126 -26.76 -2.95 22.67
CA VAL A 126 -27.90 -3.48 23.42
C VAL A 126 -27.79 -2.97 24.85
N PRO A 127 -28.67 -2.07 25.29
CA PRO A 127 -28.53 -1.50 26.63
C PRO A 127 -28.82 -2.51 27.71
N ALA A 128 -28.13 -2.36 28.85
CA ALA A 128 -28.39 -3.13 30.04
C ALA A 128 -28.76 -2.23 31.22
N VAL A 129 -29.41 -1.11 30.93
CA VAL A 129 -29.75 -0.12 31.95
C VAL A 129 -31.19 0.34 31.75
N PRO A 130 -31.78 0.93 32.78
CA PRO A 130 -33.16 1.40 32.69
C PRO A 130 -33.25 2.72 31.93
N ASN A 131 -34.49 3.21 31.80
CA ASN A 131 -34.74 4.49 31.14
C ASN A 131 -34.46 5.68 32.06
N THR A 132 -34.31 5.45 33.36
CA THR A 132 -34.15 6.55 34.30
C THR A 132 -32.78 7.20 34.21
N LEU A 133 -31.84 6.60 33.47
CA LEU A 133 -30.51 7.16 33.31
C LEU A 133 -30.35 7.68 31.89
N ALA A 134 -29.38 8.58 31.71
CA ALA A 134 -29.17 9.23 30.42
C ALA A 134 -27.70 9.50 30.20
N CYS A 135 -27.22 9.18 29.00
CA CYS A 135 -25.85 9.50 28.60
C CYS A 135 -25.77 9.38 27.08
N GLN A 136 -25.47 10.49 26.42
CA GLN A 136 -25.39 10.51 24.96
C GLN A 136 -24.07 9.90 24.51
N LEU A 137 -24.15 8.92 23.62
CA LEU A 137 -22.98 8.30 23.03
C LEU A 137 -22.92 8.57 21.54
N ILE A 138 -21.74 8.36 20.97
CA ILE A 138 -21.54 8.42 19.52
C ILE A 138 -20.74 7.20 19.11
N GLY A 139 -21.15 6.57 18.02
CA GLY A 139 -20.45 5.40 17.53
C GLY A 139 -20.16 5.50 16.04
N TYR A 140 -18.89 5.53 15.69
CA TYR A 140 -18.46 5.56 14.31
C TYR A 140 -17.39 4.50 14.11
N ILE A 141 -17.33 3.96 12.90
CA ILE A 141 -16.31 2.98 12.53
C ILE A 141 -15.40 3.63 11.51
N ASP A 142 -14.18 3.94 11.91
CA ASP A 142 -13.22 4.59 11.02
C ASP A 142 -12.58 3.56 10.13
N THR A 143 -12.65 3.78 8.82
CA THR A 143 -12.06 2.88 7.85
C THR A 143 -10.55 3.05 7.74
N ASP A 144 -9.96 3.96 8.50
CA ASP A 144 -8.52 4.10 8.59
C ASP A 144 -8.10 3.89 10.04
N PRO A 145 -7.43 2.79 10.39
CA PRO A 145 -7.12 2.55 11.80
C PRO A 145 -6.11 3.53 12.37
N LEU A 146 -5.23 4.08 11.54
CA LEU A 146 -4.19 4.96 12.05
C LEU A 146 -4.77 6.28 12.52
N ASP A 147 -5.93 6.67 12.01
CA ASP A 147 -6.62 7.84 12.53
C ASP A 147 -6.99 7.61 13.99
N ASP A 148 -6.35 8.34 14.89
CA ASP A 148 -6.50 8.15 16.33
C ASP A 148 -6.99 9.45 16.95
N PRO A 149 -8.17 9.46 17.60
CA PRO A 149 -8.63 10.69 18.25
C PRO A 149 -7.98 10.96 19.60
N ASN A 150 -7.25 9.98 20.17
CA ASN A 150 -6.61 10.20 21.46
C ASN A 150 -5.67 11.39 21.44
N VAL A 151 -5.10 11.70 20.27
CA VAL A 151 -4.20 12.84 20.15
C VAL A 151 -4.92 14.18 20.17
N ILE A 152 -6.24 14.17 20.07
CA ILE A 152 -7.02 15.41 20.10
C ILE A 152 -7.20 15.85 21.54
N LEU A 153 -7.11 17.16 21.77
CA LEU A 153 -7.34 17.72 23.10
C LEU A 153 -8.71 18.37 23.22
N ASP A 154 -9.18 19.03 22.16
CA ASP A 154 -10.50 19.64 22.18
C ASP A 154 -11.58 18.57 22.09
N VAL A 155 -12.55 18.62 22.98
CA VAL A 155 -13.56 17.57 23.06
C VAL A 155 -14.57 17.73 21.93
N ASP A 156 -15.08 18.93 21.72
CA ASP A 156 -16.08 19.12 20.67
C ASP A 156 -15.49 18.86 19.30
N GLN A 157 -14.20 19.11 19.12
CA GLN A 157 -13.55 18.74 17.87
C GLN A 157 -13.59 17.23 17.67
N LEU A 158 -13.41 16.47 18.74
CA LEU A 158 -13.49 15.02 18.66
C LEU A 158 -14.91 14.58 18.32
N LEU A 159 -15.90 15.19 18.97
CA LEU A 159 -17.29 14.87 18.65
C LEU A 159 -17.61 15.20 17.20
N ARG A 160 -17.05 16.29 16.67
CA ARG A 160 -17.32 16.67 15.30
C ARG A 160 -16.68 15.70 14.32
N GLN A 161 -15.40 15.37 14.51
CA GLN A 161 -14.76 14.42 13.62
C GLN A 161 -15.40 13.04 13.73
N ALA A 162 -16.09 12.77 14.84
CA ALA A 162 -16.89 11.54 14.93
C ALA A 162 -18.16 11.66 14.10
N THR A 163 -18.99 12.66 14.41
CA THR A 163 -20.26 12.85 13.71
C THR A 163 -20.08 12.92 12.21
N SER A 164 -18.95 13.44 11.74
CA SER A 164 -18.75 13.64 10.31
C SER A 164 -18.59 12.34 9.54
N GLN A 165 -18.21 11.26 10.20
CA GLN A 165 -18.14 9.97 9.53
C GLN A 165 -19.52 9.62 8.97
N VAL A 166 -19.54 9.14 7.73
CA VAL A 166 -20.80 8.98 7.01
C VAL A 166 -21.67 7.90 7.64
N GLY A 167 -21.07 7.02 8.45
CA GLY A 167 -21.81 5.95 9.08
C GLY A 167 -21.90 6.08 10.59
N ALA A 168 -21.77 7.30 11.10
CA ALA A 168 -21.80 7.53 12.54
C ALA A 168 -23.24 7.62 13.03
N ARG A 169 -23.47 7.13 14.25
CA ARG A 169 -24.76 7.23 14.89
C ARG A 169 -24.58 7.69 16.33
N GLN A 170 -25.55 8.49 16.79
CA GLN A 170 -25.60 8.99 18.14
C GLN A 170 -26.88 8.48 18.79
N TRP A 171 -26.81 8.27 20.10
CA TRP A 171 -27.94 7.71 20.83
C TRP A 171 -27.64 7.72 22.32
N ASN A 172 -28.70 7.59 23.11
CA ASN A 172 -28.57 7.52 24.56
C ASN A 172 -28.30 6.08 24.99
N PHE A 173 -27.50 5.93 26.04
CA PHE A 173 -27.04 4.60 26.44
C PHE A 173 -28.17 3.74 27.00
N SER A 174 -29.41 4.23 27.01
CA SER A 174 -30.57 3.42 27.35
C SER A 174 -31.31 2.91 26.13
N ASP A 175 -30.85 3.26 24.93
CA ASP A 175 -31.49 2.89 23.68
C ASP A 175 -30.57 1.96 22.88
N THR A 176 -31.16 1.24 21.94
CA THR A 176 -30.43 0.35 21.04
C THR A 176 -30.39 0.95 19.64
N THR A 177 -29.24 0.84 18.99
CA THR A 177 -29.08 1.39 17.66
C THR A 177 -27.97 0.62 16.94
N THR A 178 -27.96 0.73 15.63
CA THR A 178 -27.05 -0.01 14.77
C THR A 178 -26.02 0.93 14.17
N ILE A 179 -24.75 0.56 14.30
CA ILE A 179 -23.64 1.34 13.75
C ILE A 179 -23.15 0.63 12.49
N PRO A 180 -23.49 1.11 11.30
CA PRO A 180 -23.05 0.43 10.09
C PRO A 180 -21.57 0.62 9.82
N LEU A 181 -21.00 -0.36 9.13
CA LEU A 181 -19.68 -0.20 8.52
C LEU A 181 -19.88 0.19 7.06
N ILE A 182 -19.02 1.09 6.59
CA ILE A 182 -19.04 1.56 5.21
C ILE A 182 -17.82 0.99 4.51
N VAL A 183 -18.04 0.43 3.32
CA VAL A 183 -17.00 -0.32 2.62
C VAL A 183 -16.46 0.52 1.47
N ARG A 184 -15.15 0.43 1.26
CA ARG A 184 -14.48 1.23 0.25
C ARG A 184 -14.91 0.84 -1.16
N ARG A 185 -14.36 1.52 -2.17
CA ARG A 185 -14.84 1.39 -3.54
C ARG A 185 -13.82 0.77 -4.50
N ASP A 186 -12.61 0.45 -4.02
CA ASP A 186 -11.55 0.03 -4.93
C ASP A 186 -11.41 -1.48 -5.03
N ASP A 187 -12.21 -2.26 -4.28
CA ASP A 187 -12.26 -3.73 -4.24
C ASP A 187 -11.12 -4.32 -3.41
N GLN A 188 -10.39 -3.49 -2.67
CA GLN A 188 -9.26 -3.98 -1.88
C GLN A 188 -9.71 -5.04 -0.89
N LEU A 189 -8.87 -6.06 -0.71
CA LEU A 189 -9.07 -7.09 0.29
C LEU A 189 -8.09 -6.89 1.43
N TYR A 190 -8.51 -7.29 2.63
CA TYR A 190 -7.72 -7.15 3.83
C TYR A 190 -7.28 -8.52 4.30
N TYR A 191 -6.32 -8.54 5.21
CA TYR A 191 -5.74 -9.76 5.72
C TYR A 191 -6.38 -10.14 7.06
N THR A 192 -6.35 -11.44 7.37
CA THR A 192 -7.10 -11.98 8.49
C THR A 192 -6.26 -12.29 9.71
N GLY A 193 -4.93 -12.23 9.61
CA GLY A 193 -4.09 -12.59 10.71
C GLY A 193 -3.98 -11.49 11.75
N GLN A 194 -3.21 -11.78 12.79
CA GLN A 194 -2.92 -10.76 13.78
C GLN A 194 -2.28 -9.54 13.10
N ASP A 195 -2.39 -8.40 13.77
CA ASP A 195 -1.86 -7.17 13.20
C ASP A 195 -0.33 -7.18 13.22
N LYS A 196 0.26 -6.74 12.14
CA LYS A 196 1.70 -6.87 11.89
C LYS A 196 2.23 -5.49 11.49
N GLU A 197 3.42 -5.48 10.89
CA GLU A 197 4.19 -4.26 10.64
C GLU A 197 3.31 -3.07 10.30
N ASN A 198 2.24 -3.28 9.53
CA ASN A 198 1.28 -2.23 9.25
C ASN A 198 -0.12 -2.72 9.61
N VAL A 199 -1.00 -1.75 9.86
CA VAL A 199 -2.33 -2.04 10.34
C VAL A 199 -3.40 -1.85 9.27
N ARG A 200 -3.09 -1.13 8.18
CA ARG A 200 -4.09 -0.87 7.16
C ARG A 200 -4.29 -2.05 6.22
N PHE A 201 -3.47 -3.09 6.34
CA PHE A 201 -3.70 -4.29 5.55
C PHE A 201 -4.72 -5.20 6.21
N SER A 202 -4.67 -5.31 7.53
CA SER A 202 -5.56 -6.22 8.25
C SER A 202 -6.89 -5.56 8.57
N GLN A 203 -6.86 -4.43 9.27
CA GLN A 203 -8.06 -3.83 9.82
C GLN A 203 -8.82 -3.08 8.74
N GLN A 204 -10.05 -3.51 8.47
CA GLN A 204 -10.93 -2.81 7.55
C GLN A 204 -11.64 -1.65 8.24
N GLY A 205 -11.60 -1.59 9.56
CA GLY A 205 -12.31 -0.56 10.29
C GLY A 205 -11.96 -0.62 11.76
N VAL A 206 -12.35 0.44 12.47
CA VAL A 206 -12.10 0.55 13.90
C VAL A 206 -13.29 1.22 14.56
N PHE A 207 -13.93 0.51 15.49
CA PHE A 207 -15.11 1.00 16.17
C PHE A 207 -14.70 1.85 17.37
N TYR A 208 -15.17 3.10 17.39
CA TYR A 208 -14.92 4.02 18.49
C TYR A 208 -16.25 4.39 19.12
N LEU A 209 -16.33 4.28 20.43
CA LEU A 209 -17.51 4.66 21.21
C LEU A 209 -17.17 5.83 22.09
N LEU A 210 -18.06 6.83 22.12
CA LEU A 210 -17.82 8.09 22.80
C LEU A 210 -18.83 8.32 23.90
N GLN A 211 -18.37 8.97 24.97
CA GLN A 211 -19.25 9.48 26.03
C GLN A 211 -19.31 11.00 25.87
N VAL A 212 -20.43 11.50 25.36
CA VAL A 212 -20.55 12.91 25.03
C VAL A 212 -20.90 13.71 26.27
N THR A 213 -22.05 13.42 26.86
CA THR A 213 -22.48 14.10 28.07
C THR A 213 -22.04 13.29 29.28
N THR A 214 -22.36 13.78 30.48
CA THR A 214 -22.01 13.08 31.71
C THR A 214 -23.16 12.17 32.12
N LEU A 215 -22.80 11.07 32.78
CA LEU A 215 -23.80 10.15 33.30
C LEU A 215 -24.57 10.81 34.43
N LEU A 216 -25.88 10.95 34.25
CA LEU A 216 -26.70 11.66 35.21
C LEU A 216 -27.97 10.87 35.49
N ASN A 217 -28.46 11.01 36.72
CA ASN A 217 -29.61 10.26 37.22
C ASN A 217 -30.89 11.00 36.86
N ILE A 218 -32.00 10.64 37.49
CA ILE A 218 -33.32 11.19 37.20
C ILE A 218 -33.24 12.71 37.04
N SER A 219 -32.71 13.38 38.06
CA SER A 219 -32.64 14.83 38.06
C SER A 219 -31.43 15.28 37.23
N GLY A 220 -31.11 16.57 37.30
CA GLY A 220 -29.90 17.07 36.70
C GLY A 220 -28.71 16.83 37.61
N GLU A 221 -28.55 15.58 38.05
CA GLU A 221 -27.54 15.21 39.02
C GLU A 221 -26.66 14.12 38.43
N ALA A 222 -25.35 14.24 38.64
CA ALA A 222 -24.40 13.36 37.99
C ALA A 222 -24.18 12.09 38.81
N ILE A 223 -23.58 11.10 38.16
CA ILE A 223 -23.20 9.84 38.78
C ILE A 223 -21.70 9.70 38.69
N THR A 224 -21.12 8.90 39.60
CA THR A 224 -19.68 8.79 39.72
C THR A 224 -19.18 7.35 39.81
N ASN A 225 -20.07 6.36 39.95
CA ASN A 225 -19.63 5.00 40.21
C ASN A 225 -19.17 4.27 38.95
N ASP A 226 -19.32 4.85 37.76
CA ASP A 226 -18.82 4.27 36.53
C ASP A 226 -19.40 2.88 36.30
N LEU A 227 -20.72 2.87 36.10
CA LEU A 227 -21.47 1.63 35.97
C LEU A 227 -21.39 1.09 34.54
N ILE A 228 -21.74 -0.18 34.39
CA ILE A 228 -21.71 -0.86 33.10
C ILE A 228 -23.04 -0.62 32.40
N SER A 229 -22.97 -0.16 31.15
CA SER A 229 -24.15 0.24 30.40
C SER A 229 -24.75 -0.88 29.58
N GLY A 230 -23.95 -1.54 28.76
CA GLY A 230 -24.49 -2.53 27.85
C GLY A 230 -23.37 -3.28 27.16
N SER A 231 -23.76 -4.02 26.13
CA SER A 231 -22.83 -4.84 25.37
C SER A 231 -22.98 -4.56 23.89
N LEU A 232 -21.88 -4.78 23.16
CA LEU A 232 -21.83 -4.58 21.72
C LEU A 232 -21.87 -5.92 21.02
N TYR A 233 -22.59 -5.97 19.90
CA TYR A 233 -22.67 -7.17 19.07
C TYR A 233 -22.38 -6.79 17.63
N LEU A 234 -21.89 -7.77 16.87
CA LEU A 234 -21.52 -7.57 15.48
C LEU A 234 -22.38 -8.47 14.61
N ASP A 235 -23.11 -7.87 13.68
CA ASP A 235 -23.94 -8.58 12.72
C ASP A 235 -23.30 -8.37 11.35
N TRP A 236 -22.65 -9.41 10.83
CA TRP A 236 -21.76 -9.27 9.69
C TRP A 236 -22.09 -10.27 8.59
N VAL A 237 -21.62 -9.97 7.40
CA VAL A 237 -21.51 -10.93 6.31
C VAL A 237 -20.23 -10.60 5.55
N CYS A 238 -19.30 -11.56 5.50
CA CYS A 238 -17.96 -11.29 4.99
C CYS A 238 -17.62 -12.29 3.90
N GLY A 239 -16.71 -11.87 3.02
CA GLY A 239 -16.23 -12.73 1.96
C GLY A 239 -14.75 -13.02 2.09
N PHE A 240 -14.43 -14.28 2.40
CA PHE A 240 -13.06 -14.73 2.53
C PHE A 240 -12.60 -15.33 1.20
N SER A 241 -11.31 -15.21 0.91
CA SER A 241 -10.80 -15.48 -0.43
C SER A 241 -9.91 -16.71 -0.50
N MET A 242 -8.81 -16.75 0.26
CA MET A 242 -7.80 -17.77 0.07
C MET A 242 -7.83 -18.76 1.23
N PRO A 243 -8.18 -20.02 1.01
CA PRO A 243 -8.16 -20.99 2.11
C PRO A 243 -6.75 -21.24 2.61
N GLN A 244 -6.60 -21.30 3.92
CA GLN A 244 -5.31 -21.61 4.55
C GLN A 244 -5.57 -21.80 6.04
N ILE A 245 -4.47 -21.91 6.79
CA ILE A 245 -4.49 -21.81 8.25
C ILE A 245 -3.41 -20.82 8.66
N ASN A 246 -3.79 -19.80 9.43
CA ASN A 246 -2.80 -18.83 9.86
C ASN A 246 -2.09 -19.30 11.12
N PRO A 247 -0.84 -18.91 11.32
CA PRO A 247 -0.12 -19.32 12.54
C PRO A 247 -0.72 -18.66 13.77
N SER A 248 -0.37 -19.23 14.93
CA SER A 248 -0.82 -18.70 16.21
C SER A 248 0.16 -19.06 17.32
N ALA B 56 -32.04 12.61 4.30
CA ALA B 56 -30.91 13.56 4.54
C ALA B 56 -29.80 12.90 5.36
N ARG B 57 -30.07 11.70 5.87
CA ARG B 57 -29.09 10.95 6.64
C ARG B 57 -28.52 9.77 5.84
N SER B 58 -28.44 9.92 4.51
CA SER B 58 -27.96 8.87 3.63
C SER B 58 -26.60 8.34 4.09
N ASP B 59 -26.48 7.02 4.19
CA ASP B 59 -25.24 6.36 4.61
C ASP B 59 -24.43 5.87 3.42
N VAL B 60 -24.54 6.54 2.27
CA VAL B 60 -23.89 6.07 1.05
C VAL B 60 -22.46 6.58 0.99
N ASN B 61 -21.60 5.79 0.36
CA ASN B 61 -20.23 6.21 0.04
C ASN B 61 -20.15 6.38 -1.47
N ALA B 62 -19.96 7.62 -1.91
CA ALA B 62 -19.90 7.96 -3.32
C ALA B 62 -18.66 8.80 -3.57
N ILE B 63 -17.99 8.54 -4.68
CA ILE B 63 -16.80 9.31 -5.02
C ILE B 63 -17.22 10.69 -5.51
N THR B 64 -16.68 11.72 -4.87
CA THR B 64 -17.00 13.10 -5.23
C THR B 64 -15.88 13.62 -6.13
N VAL B 65 -15.94 13.20 -7.40
CA VAL B 65 -14.98 13.67 -8.38
C VAL B 65 -15.20 15.16 -8.61
N LEU B 66 -14.16 15.95 -8.39
CA LEU B 66 -14.26 17.40 -8.48
C LEU B 66 -12.91 17.96 -8.88
N ASN B 67 -12.94 19.02 -9.69
CA ASN B 67 -11.75 19.57 -10.29
C ASN B 67 -11.32 20.86 -9.58
N GLY B 68 -10.20 21.40 -10.02
CA GLY B 68 -9.70 22.64 -9.48
C GLY B 68 -8.29 22.92 -9.94
N SER B 69 -7.70 23.95 -9.34
CA SER B 69 -6.31 24.30 -9.58
C SER B 69 -5.78 24.97 -8.31
N ASP B 70 -4.48 24.80 -8.07
CA ASP B 70 -3.90 25.23 -6.81
C ASP B 70 -2.47 25.68 -7.01
N PHE B 71 -2.07 26.67 -6.20
CA PHE B 71 -0.70 27.17 -6.19
C PHE B 71 0.12 26.37 -5.20
N LEU B 72 1.23 25.80 -5.68
CA LEU B 72 2.04 24.89 -4.90
C LEU B 72 3.20 25.59 -4.19
N THR B 73 4.13 26.16 -4.95
CA THR B 73 5.37 26.67 -4.39
C THR B 73 6.04 27.55 -5.44
N THR B 74 6.85 28.49 -4.96
CA THR B 74 7.79 29.21 -5.82
C THR B 74 9.12 28.47 -5.78
N VAL B 75 9.55 27.98 -6.93
CA VAL B 75 10.79 27.21 -7.00
C VAL B 75 11.98 28.15 -7.00
N LYS B 76 13.13 27.64 -6.59
CA LYS B 76 14.34 28.45 -6.41
C LYS B 76 15.51 27.68 -7.01
N VAL B 77 15.91 28.04 -8.23
CA VAL B 77 17.08 27.42 -8.83
C VAL B 77 18.30 27.83 -8.01
N ARG B 78 19.28 26.94 -7.95
CA ARG B 78 20.20 26.93 -6.82
C ARG B 78 21.38 27.88 -7.03
N GLY B 79 21.89 27.97 -8.25
CA GLY B 79 23.01 28.85 -8.51
C GLY B 79 24.35 28.13 -8.40
N SER B 80 25.35 28.90 -7.99
CA SER B 80 26.72 28.37 -7.90
C SER B 80 27.12 28.10 -6.46
N ASN B 81 26.88 29.07 -5.57
CA ASN B 81 27.32 28.93 -4.18
C ASN B 81 26.77 27.65 -3.56
N ASN B 82 25.45 27.52 -3.51
CA ASN B 82 24.85 26.37 -2.85
C ASN B 82 25.02 25.10 -3.65
N LEU B 83 24.96 25.16 -4.98
CA LEU B 83 25.08 23.99 -5.83
C LEU B 83 26.55 23.58 -5.91
N ILE B 84 26.93 22.59 -5.12
CA ILE B 84 28.30 22.07 -5.11
C ILE B 84 28.35 20.57 -5.37
N ASP B 85 27.23 19.88 -5.29
CA ASP B 85 27.19 18.43 -5.46
C ASP B 85 25.92 18.07 -6.23
N SER B 86 25.58 16.78 -6.23
CA SER B 86 24.47 16.31 -7.06
C SER B 86 23.12 16.54 -6.39
N LYS B 87 22.99 16.20 -5.10
CA LYS B 87 21.72 16.36 -4.42
C LYS B 87 21.35 17.83 -4.25
N SER B 88 22.30 18.74 -4.43
CA SER B 88 21.97 20.16 -4.45
C SER B 88 21.18 20.54 -5.69
N ARG B 89 21.14 19.65 -6.69
CA ARG B 89 20.40 19.90 -7.93
C ARG B 89 18.96 19.46 -7.86
N ILE B 90 18.49 19.00 -6.71
CA ILE B 90 17.10 18.61 -6.52
C ILE B 90 16.40 19.80 -5.89
N LEU B 91 15.81 20.65 -6.73
CA LEU B 91 15.17 21.87 -6.25
C LEU B 91 13.92 21.56 -5.44
N VAL B 92 13.18 20.53 -5.81
CA VAL B 92 11.89 20.22 -5.20
C VAL B 92 11.84 18.73 -4.92
N LYS B 93 11.31 18.39 -3.75
CA LYS B 93 10.90 17.02 -3.42
C LYS B 93 9.53 17.16 -2.76
N GLN B 94 8.49 17.16 -3.59
CA GLN B 94 7.14 17.53 -3.16
C GLN B 94 6.20 16.37 -3.44
N PRO B 95 5.77 15.62 -2.41
CA PRO B 95 4.71 14.64 -2.62
C PRO B 95 3.51 15.23 -3.35
N ILE B 96 2.79 14.41 -4.11
CA ILE B 96 1.64 14.87 -4.87
C ILE B 96 0.40 14.22 -4.29
N SER B 97 0.42 13.96 -2.99
CA SER B 97 -0.78 13.60 -2.27
C SER B 97 -1.65 14.84 -2.08
N ALA B 98 -2.97 14.64 -2.16
CA ALA B 98 -3.91 15.74 -2.03
C ALA B 98 -3.58 16.60 -0.82
N SER B 99 -3.18 15.97 0.29
CA SER B 99 -2.94 16.69 1.54
C SER B 99 -1.48 17.06 1.75
N SER B 100 -0.74 17.30 0.67
CA SER B 100 0.65 17.71 0.78
C SER B 100 0.85 19.21 0.78
N PHE B 101 -0.22 19.99 0.60
CA PHE B 101 -0.13 21.44 0.47
C PHE B 101 -1.13 22.07 1.45
N LEU B 102 -0.61 22.47 2.61
CA LEU B 102 -1.47 22.85 3.73
C LEU B 102 -2.50 23.90 3.32
N GLY B 103 -2.03 25.07 2.90
CA GLY B 103 -2.92 26.21 2.70
C GLY B 103 -3.78 26.14 1.45
N THR B 104 -3.60 25.12 0.62
CA THR B 104 -4.33 25.05 -0.64
C THR B 104 -5.77 24.60 -0.42
N ARG B 105 -6.49 24.43 -1.52
CA ARG B 105 -7.87 23.99 -1.48
C ARG B 105 -7.97 22.47 -1.56
N ILE B 106 -7.11 21.85 -2.39
CA ILE B 106 -7.11 20.40 -2.51
C ILE B 106 -6.84 19.74 -1.16
N SER B 107 -5.87 20.25 -0.41
CA SER B 107 -5.56 19.65 0.88
C SER B 107 -6.69 19.88 1.88
N GLY B 108 -7.25 21.09 1.88
CA GLY B 108 -8.38 21.36 2.75
C GLY B 108 -9.54 20.41 2.50
N LEU B 109 -9.84 20.16 1.24
CA LEU B 109 -10.89 19.19 0.92
C LEU B 109 -10.49 17.79 1.37
N SER B 110 -9.32 17.34 0.94
CA SER B 110 -8.77 16.05 1.36
C SER B 110 -8.99 15.81 2.84
N GLN B 111 -8.75 16.83 3.66
CA GLN B 111 -8.94 16.68 5.10
C GLN B 111 -10.31 16.12 5.45
N PHE B 112 -11.29 16.29 4.56
CA PHE B 112 -12.67 15.91 4.83
C PHE B 112 -13.05 14.61 4.11
N TRP B 113 -12.07 13.77 3.84
CA TRP B 113 -12.30 12.46 3.25
C TRP B 113 -11.20 11.52 3.70
N GLU B 114 -11.44 10.22 3.53
CA GLU B 114 -10.41 9.23 3.84
C GLU B 114 -9.44 9.06 2.69
N ARG B 115 -9.97 9.00 1.47
CA ARG B 115 -9.23 8.49 0.34
C ARG B 115 -9.31 9.45 -0.84
N TYR B 116 -8.58 9.12 -1.89
CA TYR B 116 -8.52 9.93 -3.10
C TYR B 116 -7.84 9.11 -4.18
N ARG B 117 -7.97 9.57 -5.42
CA ARG B 117 -7.22 8.98 -6.53
C ARG B 117 -7.18 10.01 -7.65
N TRP B 118 -6.00 10.56 -7.91
CA TRP B 118 -5.84 11.44 -9.06
C TRP B 118 -6.33 10.74 -10.32
N HIS B 119 -7.38 11.28 -10.92
CA HIS B 119 -7.87 10.71 -12.17
C HIS B 119 -7.09 11.27 -13.35
N LYS B 120 -6.80 12.57 -13.33
CA LYS B 120 -5.84 13.15 -14.26
C LYS B 120 -5.30 14.43 -13.59
N ALA B 121 -4.12 14.32 -13.00
CA ALA B 121 -3.44 15.45 -12.38
C ALA B 121 -2.32 15.92 -13.28
N ALA B 122 -1.84 17.13 -13.04
CA ALA B 122 -0.78 17.72 -13.84
C ALA B 122 -0.14 18.85 -13.06
N VAL B 123 1.18 18.90 -13.06
CA VAL B 123 1.92 20.00 -12.48
C VAL B 123 2.32 20.94 -13.59
N ARG B 124 2.20 22.24 -13.34
CA ARG B 124 2.38 23.27 -14.36
C ARG B 124 3.36 24.30 -13.84
N TYR B 125 4.40 24.58 -14.62
CA TYR B 125 5.44 25.53 -14.25
C TYR B 125 5.24 26.82 -15.03
N VAL B 126 5.16 27.93 -14.31
CA VAL B 126 4.99 29.25 -14.90
C VAL B 126 6.23 30.07 -14.57
N PRO B 127 6.99 30.53 -15.57
CA PRO B 127 8.25 31.22 -15.27
C PRO B 127 8.01 32.66 -14.85
N ALA B 128 8.76 33.09 -13.84
CA ALA B 128 8.80 34.49 -13.41
C ALA B 128 10.13 35.13 -13.76
N VAL B 129 10.70 34.77 -14.92
CA VAL B 129 11.98 35.28 -15.36
C VAL B 129 11.90 35.64 -16.84
N PRO B 130 12.89 36.32 -17.39
CA PRO B 130 12.93 36.58 -18.83
C PRO B 130 13.58 35.41 -19.58
N ASN B 131 13.63 35.55 -20.91
CA ASN B 131 14.21 34.53 -21.76
C ASN B 131 15.73 34.63 -21.86
N THR B 132 16.30 35.78 -21.52
CA THR B 132 17.75 35.94 -21.64
C THR B 132 18.50 35.05 -20.66
N LEU B 133 17.89 34.71 -19.53
CA LEU B 133 18.47 33.72 -18.65
C LEU B 133 18.21 32.33 -19.22
N ALA B 134 19.14 31.40 -18.95
CA ALA B 134 19.06 30.06 -19.52
C ALA B 134 19.47 29.04 -18.47
N CYS B 135 18.59 28.07 -18.24
CA CYS B 135 18.92 26.91 -17.42
C CYS B 135 17.86 25.85 -17.67
N GLN B 136 18.30 24.65 -18.01
CA GLN B 136 17.38 23.55 -18.24
C GLN B 136 16.89 23.00 -16.91
N LEU B 137 15.72 22.37 -16.95
CA LEU B 137 15.17 21.68 -15.79
C LEU B 137 14.50 20.41 -16.27
N ILE B 138 14.61 19.36 -15.46
CA ILE B 138 13.95 18.09 -15.71
C ILE B 138 13.00 17.83 -14.56
N GLY B 139 11.76 17.49 -14.89
CA GLY B 139 10.74 17.25 -13.88
C GLY B 139 9.98 15.98 -14.19
N TYR B 140 9.77 15.18 -13.15
CA TYR B 140 9.09 13.90 -13.30
C TYR B 140 8.40 13.58 -11.97
N ILE B 141 7.55 12.58 -12.01
CA ILE B 141 6.76 12.17 -10.86
C ILE B 141 6.89 10.65 -10.73
N ASP B 142 7.69 10.20 -9.77
CA ASP B 142 7.82 8.78 -9.50
C ASP B 142 6.59 8.30 -8.75
N THR B 143 5.86 7.35 -9.35
CA THR B 143 4.71 6.75 -8.70
C THR B 143 5.09 5.95 -7.45
N ASP B 144 6.38 5.80 -7.17
CA ASP B 144 6.84 5.10 -5.98
C ASP B 144 7.34 6.12 -4.97
N PRO B 145 6.60 6.40 -3.89
CA PRO B 145 7.06 7.41 -2.94
C PRO B 145 8.37 7.06 -2.26
N LEU B 146 8.80 5.80 -2.30
CA LEU B 146 10.00 5.39 -1.58
C LEU B 146 11.25 5.48 -2.44
N ASP B 147 11.14 5.25 -3.74
CA ASP B 147 12.29 5.39 -4.62
C ASP B 147 12.89 6.77 -4.46
N ASP B 148 14.12 6.82 -3.95
CA ASP B 148 14.78 8.06 -3.59
C ASP B 148 16.06 8.23 -4.42
N PRO B 149 16.18 9.28 -5.24
CA PRO B 149 17.44 9.50 -5.95
C PRO B 149 18.47 10.30 -5.16
N ASN B 150 18.13 10.75 -3.95
CA ASN B 150 19.07 11.56 -3.18
C ASN B 150 20.35 10.79 -2.88
N VAL B 151 20.26 9.46 -2.79
CA VAL B 151 21.42 8.63 -2.50
C VAL B 151 22.43 8.62 -3.63
N ILE B 152 22.04 9.09 -4.82
CA ILE B 152 22.87 8.99 -6.01
C ILE B 152 23.91 10.10 -5.98
N LEU B 153 25.13 9.77 -6.41
CA LEU B 153 26.25 10.70 -6.41
C LEU B 153 26.53 11.29 -7.79
N ASP B 154 26.42 10.48 -8.84
CA ASP B 154 26.66 10.97 -10.19
C ASP B 154 25.45 11.75 -10.68
N VAL B 155 25.70 12.92 -11.25
CA VAL B 155 24.60 13.76 -11.72
C VAL B 155 23.96 13.17 -12.95
N ASP B 156 24.78 12.69 -13.90
CA ASP B 156 24.24 12.09 -15.11
C ASP B 156 23.40 10.86 -14.80
N GLN B 157 23.82 10.06 -13.83
CA GLN B 157 23.01 8.92 -13.40
C GLN B 157 21.64 9.37 -12.94
N LEU B 158 21.59 10.46 -12.18
CA LEU B 158 20.33 10.97 -11.64
C LEU B 158 19.44 11.50 -12.77
N LEU B 159 20.01 12.28 -13.68
CA LEU B 159 19.23 12.78 -14.80
C LEU B 159 18.76 11.64 -15.71
N ARG B 160 19.53 10.55 -15.79
CA ARG B 160 19.14 9.43 -16.64
C ARG B 160 18.03 8.62 -16.01
N GLN B 161 18.11 8.36 -14.70
CA GLN B 161 17.00 7.68 -14.03
C GLN B 161 15.78 8.59 -13.94
N ALA B 162 15.94 9.89 -14.14
CA ALA B 162 14.79 10.78 -14.27
C ALA B 162 14.16 10.65 -15.64
N THR B 163 14.93 10.90 -16.70
CA THR B 163 14.43 10.74 -18.06
C THR B 163 13.90 9.34 -18.33
N SER B 164 14.33 8.35 -17.56
CA SER B 164 13.82 6.99 -17.76
C SER B 164 12.35 6.89 -17.37
N GLN B 165 11.94 7.61 -16.33
CA GLN B 165 10.54 7.59 -15.94
C GLN B 165 9.66 8.02 -17.11
N VAL B 166 8.43 7.50 -17.11
CA VAL B 166 7.58 7.61 -18.29
C VAL B 166 7.02 9.03 -18.42
N GLY B 167 6.44 9.58 -17.35
CA GLY B 167 5.85 10.89 -17.44
C GLY B 167 6.79 12.05 -17.24
N ALA B 168 8.05 11.92 -17.64
CA ALA B 168 9.04 12.96 -17.40
C ALA B 168 9.02 14.01 -18.50
N ARG B 169 9.57 15.18 -18.18
CA ARG B 169 9.69 16.28 -19.13
C ARG B 169 10.98 17.03 -18.86
N GLN B 170 11.42 17.78 -19.87
CA GLN B 170 12.55 18.69 -19.75
C GLN B 170 12.14 20.03 -20.33
N TRP B 171 12.72 21.11 -19.82
CA TRP B 171 12.33 22.44 -20.29
C TRP B 171 13.25 23.48 -19.68
N ASN B 172 13.27 24.65 -20.31
CA ASN B 172 14.01 25.80 -19.83
C ASN B 172 13.16 26.55 -18.81
N PHE B 173 13.80 27.09 -17.78
CA PHE B 173 13.07 27.78 -16.74
C PHE B 173 12.53 29.13 -17.20
N SER B 174 12.64 29.45 -18.49
CA SER B 174 12.10 30.68 -19.04
C SER B 174 10.79 30.46 -19.79
N ASP B 175 10.46 29.22 -20.13
CA ASP B 175 9.19 28.88 -20.75
C ASP B 175 8.38 28.01 -19.81
N THR B 176 7.17 27.65 -20.25
CA THR B 176 6.24 26.88 -19.43
C THR B 176 5.96 25.54 -20.08
N THR B 177 5.64 24.57 -19.24
CA THR B 177 5.30 23.22 -19.69
C THR B 177 4.30 22.64 -18.70
N THR B 178 4.06 21.33 -18.80
CA THR B 178 3.15 20.63 -17.92
C THR B 178 3.71 19.24 -17.63
N ILE B 179 3.78 18.90 -16.35
CA ILE B 179 4.31 17.61 -15.92
C ILE B 179 3.15 16.71 -15.52
N PRO B 180 2.73 15.77 -16.38
CA PRO B 180 1.57 14.95 -16.04
C PRO B 180 1.90 13.91 -14.99
N LEU B 181 0.84 13.38 -14.39
CA LEU B 181 0.92 12.26 -13.46
C LEU B 181 0.29 11.04 -14.11
N ILE B 182 1.07 9.99 -14.27
CA ILE B 182 0.63 8.76 -14.92
C ILE B 182 0.04 7.86 -13.86
N VAL B 183 -1.27 7.69 -13.90
CA VAL B 183 -2.01 6.97 -12.87
C VAL B 183 -1.86 5.48 -13.10
N ARG B 184 -1.82 4.72 -12.01
CA ARG B 184 -1.61 3.29 -12.10
C ARG B 184 -2.88 2.61 -12.63
N ARG B 185 -2.83 1.28 -12.66
CA ARG B 185 -3.85 0.47 -13.32
C ARG B 185 -4.64 -0.42 -12.39
N ASP B 186 -4.30 -0.48 -11.10
CA ASP B 186 -4.95 -1.40 -10.18
C ASP B 186 -5.96 -0.70 -9.27
N ASP B 187 -6.68 0.29 -9.80
CA ASP B 187 -7.86 0.89 -9.17
C ASP B 187 -7.61 1.29 -7.72
N GLN B 188 -6.34 1.40 -7.34
CA GLN B 188 -5.99 1.60 -5.95
C GLN B 188 -6.38 3.01 -5.48
N LEU B 189 -6.83 3.09 -4.24
CA LEU B 189 -7.07 4.36 -3.57
C LEU B 189 -5.96 4.62 -2.56
N TYR B 190 -5.82 5.89 -2.20
CA TYR B 190 -4.79 6.32 -1.27
C TYR B 190 -5.43 7.16 -0.18
N TYR B 191 -4.80 7.16 1.00
CA TYR B 191 -5.32 7.89 2.15
C TYR B 191 -4.88 9.34 2.10
N THR B 192 -5.57 10.17 2.89
CA THR B 192 -5.37 11.62 2.84
C THR B 192 -4.54 12.15 4.00
N GLY B 193 -4.63 11.53 5.17
CA GLY B 193 -3.99 12.07 6.34
C GLY B 193 -2.50 12.28 6.15
N GLN B 194 -1.91 12.96 7.13
CA GLN B 194 -0.47 13.15 7.13
C GLN B 194 0.24 11.80 7.00
N ASP B 195 1.30 11.78 6.19
CA ASP B 195 1.99 10.54 5.92
C ASP B 195 2.35 9.83 7.22
N LYS B 196 2.20 8.50 7.20
CA LYS B 196 2.27 7.69 8.40
C LYS B 196 3.28 6.57 8.15
N GLU B 197 3.23 5.53 8.99
CA GLU B 197 4.21 4.46 9.03
C GLU B 197 4.76 4.15 7.64
N ASN B 198 3.88 3.93 6.66
CA ASN B 198 4.30 3.74 5.28
C ASN B 198 3.74 4.86 4.42
N VAL B 199 4.35 5.03 3.24
CA VAL B 199 4.00 6.14 2.36
C VAL B 199 3.23 5.68 1.12
N ARG B 200 3.43 4.42 0.69
CA ARG B 200 2.69 3.90 -0.46
C ARG B 200 1.21 3.74 -0.17
N PHE B 201 0.79 3.90 1.09
CA PHE B 201 -0.62 3.92 1.42
C PHE B 201 -1.23 5.29 1.18
N SER B 202 -0.40 6.34 1.23
CA SER B 202 -0.89 7.72 1.21
C SER B 202 -0.56 8.44 -0.08
N GLN B 203 0.71 8.42 -0.50
CA GLN B 203 1.17 9.22 -1.62
C GLN B 203 0.97 8.45 -2.92
N GLN B 204 0.38 9.12 -3.92
CA GLN B 204 0.24 8.57 -5.26
C GLN B 204 1.42 8.93 -6.15
N GLY B 205 2.32 9.79 -5.71
CA GLY B 205 3.45 10.20 -6.50
C GLY B 205 4.25 11.24 -5.75
N VAL B 206 5.44 11.51 -6.28
CA VAL B 206 6.36 12.46 -5.68
C VAL B 206 7.02 13.24 -6.81
N PHE B 207 6.87 14.56 -6.80
CA PHE B 207 7.35 15.41 -7.88
C PHE B 207 8.75 15.89 -7.57
N TYR B 208 9.72 15.43 -8.36
CA TYR B 208 11.10 15.88 -8.25
C TYR B 208 11.37 16.90 -9.35
N LEU B 209 11.90 18.06 -8.96
CA LEU B 209 12.32 19.09 -9.89
C LEU B 209 13.83 19.22 -9.82
N LEU B 210 14.48 19.18 -10.98
CA LEU B 210 15.92 19.01 -11.07
C LEU B 210 16.56 20.20 -11.78
N GLN B 211 17.83 20.43 -11.46
CA GLN B 211 18.64 21.46 -12.10
C GLN B 211 19.70 20.76 -12.94
N VAL B 212 19.61 20.91 -14.25
CA VAL B 212 20.54 20.21 -15.15
C VAL B 212 21.77 21.06 -15.43
N THR B 213 21.58 22.37 -15.61
CA THR B 213 22.65 23.26 -16.03
C THR B 213 22.99 24.22 -14.89
N THR B 214 23.88 25.17 -15.18
CA THR B 214 24.24 26.22 -14.25
C THR B 214 23.46 27.48 -14.59
N LEU B 215 23.06 28.20 -13.54
CA LEU B 215 22.29 29.42 -13.72
C LEU B 215 23.20 30.54 -14.23
N LEU B 216 22.89 31.06 -15.40
CA LEU B 216 23.67 32.14 -15.99
C LEU B 216 22.73 33.15 -16.61
N ASN B 217 23.26 34.33 -16.90
CA ASN B 217 22.45 35.48 -17.27
C ASN B 217 22.89 36.09 -18.59
N ILE B 218 22.42 37.31 -18.87
CA ILE B 218 22.74 38.00 -20.12
C ILE B 218 24.21 37.80 -20.46
N SER B 219 25.10 38.25 -19.58
CA SER B 219 26.52 38.03 -19.75
C SER B 219 26.90 36.63 -19.27
N GLY B 220 28.18 36.32 -19.38
CA GLY B 220 28.66 35.03 -18.89
C GLY B 220 28.57 34.90 -17.38
N GLU B 221 28.30 36.02 -16.69
CA GLU B 221 28.15 36.01 -15.24
C GLU B 221 27.36 34.80 -14.78
N ALA B 222 27.92 34.07 -13.82
CA ALA B 222 27.21 32.95 -13.21
C ALA B 222 26.58 33.41 -11.91
N ILE B 223 25.24 33.43 -11.89
CA ILE B 223 24.52 33.89 -10.70
C ILE B 223 24.87 32.98 -9.53
N THR B 224 24.87 33.55 -8.32
CA THR B 224 25.33 32.86 -7.13
C THR B 224 24.40 33.02 -5.95
N ASN B 225 23.22 33.59 -6.12
CA ASN B 225 22.38 34.01 -5.00
C ASN B 225 21.15 33.14 -4.80
N ASP B 226 20.94 32.12 -5.62
CA ASP B 226 19.83 31.18 -5.44
C ASP B 226 18.49 31.93 -5.47
N LEU B 227 18.21 32.50 -6.64
CA LEU B 227 17.04 33.34 -6.84
C LEU B 227 15.89 32.54 -7.44
N ILE B 228 14.69 33.10 -7.31
CA ILE B 228 13.46 32.44 -7.72
C ILE B 228 13.30 32.54 -9.23
N SER B 229 12.84 31.45 -9.84
CA SER B 229 12.69 31.34 -11.28
C SER B 229 11.24 31.31 -11.73
N GLY B 230 10.36 30.67 -10.98
CA GLY B 230 8.99 30.56 -11.38
C GLY B 230 8.05 30.13 -10.26
N SER B 231 6.99 29.42 -10.63
CA SER B 231 5.97 29.00 -9.69
C SER B 231 5.29 27.76 -10.23
N LEU B 232 4.95 26.84 -9.32
CA LEU B 232 4.34 25.58 -9.68
C LEU B 232 2.85 25.62 -9.38
N TYR B 233 2.06 25.04 -10.28
CA TYR B 233 0.61 25.00 -10.14
C TYR B 233 0.14 23.59 -10.46
N LEU B 234 -0.83 23.12 -9.70
CA LEU B 234 -1.39 21.78 -9.85
C LEU B 234 -2.80 21.90 -10.44
N ASP B 235 -2.97 21.40 -11.65
CA ASP B 235 -4.27 21.36 -12.32
C ASP B 235 -4.77 19.93 -12.20
N TRP B 236 -5.66 19.70 -11.23
CA TRP B 236 -5.94 18.35 -10.75
C TRP B 236 -7.41 17.98 -10.92
N VAL B 237 -7.65 16.67 -10.89
CA VAL B 237 -8.99 16.09 -10.88
C VAL B 237 -8.91 14.80 -10.08
N CYS B 238 -9.63 14.75 -8.96
CA CYS B 238 -9.60 13.56 -8.10
C CYS B 238 -10.96 13.33 -7.51
N GLY B 239 -11.20 12.08 -7.11
CA GLY B 239 -12.44 11.67 -6.47
C GLY B 239 -12.16 11.10 -5.09
N PHE B 240 -12.73 11.76 -4.08
CA PHE B 240 -12.63 11.33 -2.70
C PHE B 240 -13.85 10.48 -2.36
N SER B 241 -13.66 9.46 -1.51
CA SER B 241 -14.67 8.44 -1.31
C SER B 241 -15.41 8.57 0.01
N MET B 242 -14.70 8.53 1.13
CA MET B 242 -15.35 8.33 2.43
C MET B 242 -15.32 9.62 3.24
N PRO B 243 -16.46 10.27 3.46
CA PRO B 243 -16.46 11.47 4.30
C PRO B 243 -15.91 11.20 5.69
N GLN B 244 -15.14 12.15 6.21
CA GLN B 244 -14.61 12.09 7.56
C GLN B 244 -13.98 13.44 7.88
N ILE B 245 -13.27 13.49 9.00
CA ILE B 245 -12.34 14.56 9.31
C ILE B 245 -11.04 13.94 9.77
N ASN B 246 -9.94 14.30 9.12
CA ASN B 246 -8.63 13.83 9.56
C ASN B 246 -8.07 14.76 10.64
N PRO B 247 -7.50 14.22 11.70
CA PRO B 247 -6.97 15.07 12.76
C PRO B 247 -5.87 15.99 12.25
N SER B 248 -5.46 16.90 13.12
CA SER B 248 -4.41 17.86 12.79
C SER B 248 -3.78 18.41 14.07
N THR C 33 17.20 41.26 -75.13
CA THR C 33 16.47 40.82 -73.91
C THR C 33 17.21 39.68 -73.21
N VAL C 34 18.53 39.79 -73.15
CA VAL C 34 19.37 38.76 -72.53
C VAL C 34 18.80 38.46 -71.15
N PRO C 35 18.19 37.30 -70.93
CA PRO C 35 17.60 37.02 -69.63
C PRO C 35 18.65 36.61 -68.60
N ASN C 36 18.33 36.89 -67.34
CA ASN C 36 19.20 36.54 -66.22
C ASN C 36 20.62 37.08 -66.45
N PHE C 37 20.70 38.40 -66.55
CA PHE C 37 21.99 39.06 -66.78
C PHE C 37 22.79 39.14 -65.47
N ASN C 38 22.25 39.85 -64.48
CA ASN C 38 22.85 39.94 -63.15
C ASN C 38 21.76 39.76 -62.11
N PRO C 39 21.14 38.59 -62.05
CA PRO C 39 20.06 38.35 -61.10
C PRO C 39 20.59 38.18 -59.68
N ILE C 40 19.88 38.73 -58.71
CA ILE C 40 20.18 38.56 -57.31
C ILE C 40 18.89 38.23 -56.58
N VAL C 41 19.01 37.47 -55.49
CA VAL C 41 17.87 36.96 -54.75
C VAL C 41 18.07 37.26 -53.27
N ALA C 42 16.97 37.59 -52.60
CA ALA C 42 16.99 37.87 -51.17
C ALA C 42 16.06 36.90 -50.45
N LYS C 43 16.48 36.48 -49.26
CA LYS C 43 15.70 35.56 -48.45
C LYS C 43 15.98 35.82 -46.97
N PRO C 44 14.98 36.20 -46.19
CA PRO C 44 15.23 36.51 -44.78
C PRO C 44 15.23 35.28 -43.90
N THR C 45 15.66 35.49 -42.65
CA THR C 45 15.72 34.42 -41.66
C THR C 45 15.69 35.08 -40.28
N VAL C 46 14.59 34.89 -39.56
CA VAL C 46 14.47 35.51 -38.24
C VAL C 46 15.47 34.87 -37.28
N ALA C 47 15.96 35.69 -36.34
CA ALA C 47 16.97 35.28 -35.37
C ALA C 47 16.43 35.57 -33.98
N PRO C 48 15.54 34.71 -33.47
CA PRO C 48 14.97 34.95 -32.14
C PRO C 48 15.92 34.51 -31.04
N LEU C 49 15.67 35.04 -29.85
CA LEU C 49 16.41 34.63 -28.66
C LEU C 49 15.75 33.44 -28.00
N GLN C 50 16.56 32.57 -27.41
CA GLN C 50 16.10 31.46 -26.60
C GLN C 50 15.09 30.60 -27.36
N THR C 51 15.58 29.99 -28.43
CA THR C 51 14.81 28.95 -29.10
C THR C 51 14.72 27.73 -28.19
N ASN C 52 13.51 27.45 -27.71
CA ASN C 52 13.29 26.47 -26.66
C ASN C 52 12.86 25.12 -27.21
N ILE C 53 13.21 24.07 -26.47
CA ILE C 53 12.86 22.70 -26.81
C ILE C 53 12.28 22.04 -25.56
N ARG C 54 11.37 21.09 -25.76
CA ARG C 54 10.66 20.44 -24.66
C ARG C 54 11.19 19.04 -24.35
N SER C 55 11.37 18.20 -25.36
CA SER C 55 11.90 16.86 -25.17
C SER C 55 11.11 16.11 -24.11
N ALA C 56 9.83 15.90 -24.40
CA ALA C 56 8.91 15.24 -23.48
C ALA C 56 8.97 13.73 -23.68
N ARG C 57 8.88 13.00 -22.58
CA ARG C 57 8.95 11.54 -22.61
C ARG C 57 7.55 10.94 -22.49
N SER C 58 7.29 9.94 -23.33
CA SER C 58 5.94 9.43 -23.52
C SER C 58 5.20 9.26 -22.20
N ASP C 59 3.94 9.67 -22.18
CA ASP C 59 3.06 9.52 -21.02
C ASP C 59 2.15 8.31 -21.14
N VAL C 60 2.64 7.22 -21.72
CA VAL C 60 1.84 6.04 -22.02
C VAL C 60 2.26 4.94 -21.07
N ASN C 61 1.31 4.46 -20.26
CA ASN C 61 1.54 3.38 -19.33
C ASN C 61 0.97 2.10 -19.92
N ALA C 62 1.85 1.18 -20.31
CA ALA C 62 1.46 -0.04 -21.01
C ALA C 62 1.92 -1.25 -20.21
N ILE C 63 1.13 -2.32 -20.25
CA ILE C 63 1.44 -3.54 -19.52
C ILE C 63 2.31 -4.41 -20.43
N THR C 64 3.60 -4.47 -20.12
CA THR C 64 4.54 -5.30 -20.88
C THR C 64 4.59 -6.67 -20.22
N VAL C 65 3.91 -7.63 -20.83
CA VAL C 65 3.84 -8.99 -20.31
C VAL C 65 4.80 -9.87 -21.10
N LEU C 66 5.57 -10.67 -20.39
CA LEU C 66 6.54 -11.57 -21.00
C LEU C 66 6.67 -12.81 -20.14
N ASN C 67 7.08 -13.90 -20.77
CA ASN C 67 6.99 -15.22 -20.17
C ASN C 67 8.28 -15.98 -20.36
N GLY C 68 8.58 -16.85 -19.40
CA GLY C 68 9.78 -17.65 -19.45
C GLY C 68 9.95 -18.42 -18.16
N SER C 69 10.92 -19.32 -18.17
CA SER C 69 11.27 -20.11 -17.00
C SER C 69 12.58 -19.63 -16.40
N ASP C 70 12.89 -20.14 -15.22
CA ASP C 70 14.08 -19.75 -14.48
C ASP C 70 14.44 -20.86 -13.51
N PHE C 71 15.34 -20.55 -12.57
CA PHE C 71 15.86 -21.51 -11.61
C PHE C 71 15.92 -20.84 -10.24
N LEU C 72 15.21 -21.42 -9.27
CA LEU C 72 15.10 -20.81 -7.95
C LEU C 72 16.32 -21.11 -7.10
N THR C 73 16.50 -22.39 -6.75
CA THR C 73 17.50 -22.79 -5.79
C THR C 73 17.47 -24.31 -5.62
N THR C 74 18.40 -24.85 -4.85
CA THR C 74 18.44 -26.26 -4.54
C THR C 74 17.70 -26.53 -3.24
N VAL C 75 17.28 -27.78 -3.07
CA VAL C 75 16.61 -28.25 -1.86
C VAL C 75 17.58 -29.14 -1.11
N LYS C 76 17.65 -28.94 0.20
CA LYS C 76 18.54 -29.71 1.07
C LYS C 76 17.72 -30.34 2.19
N VAL C 77 17.39 -31.63 2.04
CA VAL C 77 16.71 -32.34 3.10
C VAL C 77 17.65 -32.47 4.29
N ARG C 78 17.10 -32.27 5.49
CA ARG C 78 17.95 -31.91 6.63
C ARG C 78 18.54 -33.13 7.34
N GLY C 79 17.94 -34.30 7.20
CA GLY C 79 18.51 -35.50 7.75
C GLY C 79 18.25 -35.64 9.25
N SER C 80 18.52 -36.85 9.75
CA SER C 80 18.14 -37.19 11.13
C SER C 80 18.87 -36.31 12.14
N ASN C 81 20.14 -36.02 11.91
CA ASN C 81 20.90 -35.21 12.86
C ASN C 81 20.26 -33.84 13.02
N ASN C 82 20.19 -33.09 11.94
CA ASN C 82 19.72 -31.70 12.00
C ASN C 82 18.20 -31.62 12.18
N LEU C 83 17.47 -32.68 11.87
CA LEU C 83 16.01 -32.68 11.94
C LEU C 83 15.61 -33.01 13.37
N ILE C 84 15.62 -31.99 14.23
CA ILE C 84 15.30 -32.16 15.64
C ILE C 84 14.32 -31.09 16.11
N ASP C 85 13.71 -30.39 15.16
CA ASP C 85 12.83 -29.26 15.48
C ASP C 85 11.85 -29.08 14.32
N SER C 86 10.92 -28.15 14.49
CA SER C 86 9.97 -27.82 13.44
C SER C 86 10.63 -26.98 12.36
N LYS C 87 11.29 -25.89 12.75
CA LYS C 87 12.01 -25.07 11.78
C LYS C 87 12.99 -25.88 10.97
N SER C 88 13.54 -26.96 11.55
CA SER C 88 14.47 -27.80 10.82
C SER C 88 13.83 -28.43 9.59
N ARG C 89 12.50 -28.53 9.58
CA ARG C 89 11.80 -29.15 8.46
C ARG C 89 11.45 -28.16 7.36
N ILE C 90 11.86 -26.90 7.49
CA ILE C 90 11.65 -25.91 6.44
C ILE C 90 12.91 -25.85 5.59
N LEU C 91 12.82 -26.37 4.38
CA LEU C 91 13.98 -26.51 3.51
C LEU C 91 14.17 -25.34 2.56
N VAL C 92 13.11 -24.61 2.26
CA VAL C 92 13.17 -23.52 1.29
C VAL C 92 12.21 -22.42 1.75
N LYS C 93 12.71 -21.19 1.79
CA LYS C 93 11.87 -20.00 1.98
C LYS C 93 12.31 -19.02 0.91
N GLN C 94 11.69 -19.10 -0.25
CA GLN C 94 12.06 -18.30 -1.40
C GLN C 94 10.88 -17.44 -1.84
N PRO C 95 10.92 -16.12 -1.64
CA PRO C 95 9.87 -15.27 -2.20
C PRO C 95 9.72 -15.48 -3.70
N ILE C 96 8.56 -15.11 -4.21
CA ILE C 96 8.26 -15.20 -5.63
C ILE C 96 8.21 -13.82 -6.27
N SER C 97 8.63 -12.79 -5.55
CA SER C 97 8.79 -11.47 -6.16
C SER C 97 9.71 -11.56 -7.37
N ALA C 98 9.38 -10.80 -8.41
CA ALA C 98 10.19 -10.81 -9.63
C ALA C 98 11.64 -10.45 -9.33
N SER C 99 11.86 -9.55 -8.38
CA SER C 99 13.20 -9.09 -8.04
C SER C 99 13.82 -9.86 -6.88
N SER C 100 13.44 -11.13 -6.71
CA SER C 100 14.02 -11.99 -5.70
C SER C 100 14.93 -13.06 -6.29
N PHE C 101 15.23 -12.97 -7.58
CA PHE C 101 16.07 -13.95 -8.27
C PHE C 101 17.25 -13.19 -8.87
N LEU C 102 18.31 -13.03 -8.09
CA LEU C 102 19.43 -12.18 -8.46
C LEU C 102 19.97 -12.56 -9.84
N GLY C 103 20.44 -13.79 -9.99
CA GLY C 103 21.17 -14.16 -11.20
C GLY C 103 20.31 -14.09 -12.45
N THR C 104 19.03 -14.42 -12.33
CA THR C 104 18.16 -14.47 -13.49
C THR C 104 18.11 -13.13 -14.20
N ARG C 105 17.57 -13.15 -15.42
CA ARG C 105 17.41 -11.93 -16.20
C ARG C 105 16.01 -11.35 -16.08
N ILE C 106 15.08 -12.07 -15.45
CA ILE C 106 13.76 -11.49 -15.16
C ILE C 106 13.89 -10.48 -14.03
N SER C 107 14.64 -10.81 -12.98
CA SER C 107 14.82 -9.89 -11.87
C SER C 107 15.64 -8.66 -12.25
N GLY C 108 16.23 -8.66 -13.44
CA GLY C 108 16.93 -7.49 -13.94
C GLY C 108 16.00 -6.61 -14.73
N LEU C 109 15.07 -7.23 -15.45
CA LEU C 109 14.06 -6.47 -16.16
C LEU C 109 13.10 -5.82 -15.17
N SER C 110 12.78 -6.52 -14.09
CA SER C 110 11.95 -5.98 -13.02
C SER C 110 12.31 -4.54 -12.70
N GLN C 111 13.60 -4.25 -12.59
CA GLN C 111 14.05 -2.92 -12.18
C GLN C 111 13.68 -1.85 -13.19
N PHE C 112 13.40 -2.22 -14.45
CA PHE C 112 13.06 -1.25 -15.47
C PHE C 112 11.59 -0.83 -15.42
N TRP C 113 10.78 -1.54 -14.65
CA TRP C 113 9.40 -1.16 -14.40
C TRP C 113 9.19 -0.95 -12.90
N GLU C 114 8.03 -0.40 -12.56
CA GLU C 114 7.74 -0.06 -11.17
C GLU C 114 6.76 -1.01 -10.50
N ARG C 115 6.09 -1.86 -11.26
CA ARG C 115 5.09 -2.76 -10.69
C ARG C 115 5.05 -4.05 -11.50
N TYR C 116 4.46 -5.08 -10.90
CA TYR C 116 4.36 -6.37 -11.56
C TYR C 116 3.19 -7.15 -10.96
N ARG C 117 2.83 -8.23 -11.64
CA ARG C 117 1.80 -9.15 -11.14
C ARG C 117 1.94 -10.46 -11.89
N TRP C 118 2.28 -11.53 -11.18
CA TRP C 118 2.34 -12.85 -11.79
C TRP C 118 0.97 -13.23 -12.34
N HIS C 119 0.87 -13.39 -13.66
CA HIS C 119 -0.36 -13.89 -14.26
C HIS C 119 -0.46 -15.40 -14.14
N LYS C 120 0.69 -16.08 -14.15
CA LYS C 120 0.72 -17.53 -14.07
C LYS C 120 2.11 -17.93 -13.58
N ALA C 121 2.18 -18.47 -12.38
CA ALA C 121 3.43 -18.93 -11.79
C ALA C 121 3.25 -20.36 -11.31
N ALA C 122 4.31 -21.16 -11.45
CA ALA C 122 4.25 -22.56 -11.06
C ALA C 122 5.67 -23.05 -10.84
N VAL C 123 6.01 -23.35 -9.59
CA VAL C 123 7.30 -23.96 -9.27
C VAL C 123 7.28 -25.40 -9.73
N ARG C 124 8.43 -25.87 -10.24
CA ARG C 124 8.56 -27.20 -10.79
C ARG C 124 9.77 -27.89 -10.19
N TYR C 125 9.54 -29.05 -9.59
CA TYR C 125 10.59 -29.82 -8.93
C TYR C 125 11.21 -30.79 -9.92
N VAL C 126 12.53 -30.78 -10.00
CA VAL C 126 13.29 -31.67 -10.88
C VAL C 126 14.09 -32.62 -10.00
N PRO C 127 13.66 -33.86 -9.80
CA PRO C 127 14.38 -34.74 -8.89
C PRO C 127 15.73 -35.15 -9.44
N ALA C 128 16.64 -35.45 -8.51
CA ALA C 128 17.96 -35.97 -8.84
C ALA C 128 18.28 -37.26 -8.11
N VAL C 129 17.31 -37.85 -7.41
CA VAL C 129 17.53 -39.06 -6.64
C VAL C 129 16.73 -40.18 -7.31
N PRO C 130 17.12 -41.42 -7.10
CA PRO C 130 16.33 -42.55 -7.60
C PRO C 130 15.19 -42.89 -6.65
N ASN C 131 14.38 -43.85 -7.07
CA ASN C 131 13.27 -44.32 -6.25
C ASN C 131 13.72 -45.22 -5.11
N THR C 132 15.02 -45.37 -4.89
CA THR C 132 15.53 -46.13 -3.76
C THR C 132 15.64 -45.30 -2.49
N LEU C 133 15.39 -44.00 -2.57
CA LEU C 133 15.28 -43.14 -1.40
C LEU C 133 13.86 -42.59 -1.33
N ALA C 134 13.45 -42.21 -0.12
CA ALA C 134 12.08 -41.77 0.10
C ALA C 134 12.05 -40.67 1.14
N CYS C 135 11.24 -39.65 0.87
CA CYS C 135 10.97 -38.57 1.82
C CYS C 135 9.80 -37.76 1.27
N GLN C 136 8.83 -37.52 2.12
CA GLN C 136 7.67 -36.71 1.75
C GLN C 136 8.01 -35.24 1.86
N LEU C 137 7.50 -34.46 0.91
CA LEU C 137 7.68 -33.03 0.91
C LEU C 137 6.33 -32.37 0.68
N ILE C 138 6.21 -31.13 1.16
CA ILE C 138 5.04 -30.30 0.92
C ILE C 138 5.51 -28.98 0.37
N GLY C 139 4.98 -28.59 -0.77
CA GLY C 139 5.33 -27.33 -1.38
C GLY C 139 4.11 -26.45 -1.60
N TYR C 140 4.01 -25.38 -0.83
CA TYR C 140 2.92 -24.42 -0.96
C TYR C 140 3.51 -23.02 -1.10
N ILE C 141 2.85 -22.20 -1.91
CA ILE C 141 3.23 -20.81 -2.08
C ILE C 141 2.23 -19.96 -1.30
N ASP C 142 2.69 -19.37 -0.20
CA ASP C 142 1.84 -18.53 0.62
C ASP C 142 1.81 -17.13 0.03
N THR C 143 0.60 -16.61 -0.17
CA THR C 143 0.43 -15.29 -0.76
C THR C 143 0.48 -14.16 0.26
N ASP C 144 0.95 -14.44 1.47
CA ASP C 144 1.15 -13.42 2.49
C ASP C 144 2.57 -13.55 3.02
N PRO C 145 3.49 -12.69 2.61
CA PRO C 145 4.89 -12.85 3.04
C PRO C 145 5.09 -12.78 4.54
N LEU C 146 4.09 -12.34 5.30
CA LEU C 146 4.25 -12.13 6.73
C LEU C 146 3.85 -13.34 7.56
N ASP C 147 3.48 -14.44 6.92
CA ASP C 147 3.20 -15.68 7.64
C ASP C 147 4.49 -16.50 7.71
N ASP C 148 5.10 -16.56 8.89
CA ASP C 148 6.38 -17.23 9.05
C ASP C 148 6.20 -18.48 9.91
N PRO C 149 6.31 -19.68 9.34
CA PRO C 149 6.09 -20.89 10.15
C PRO C 149 7.09 -21.08 11.28
N ASN C 150 8.21 -20.36 11.27
CA ASN C 150 9.22 -20.57 12.31
C ASN C 150 8.65 -20.33 13.70
N VAL C 151 7.57 -19.58 13.79
CA VAL C 151 6.91 -19.37 15.07
C VAL C 151 6.19 -20.63 15.55
N ILE C 152 5.86 -21.52 14.62
CA ILE C 152 5.15 -22.75 14.95
C ILE C 152 6.14 -23.72 15.58
N LEU C 153 5.80 -24.26 16.76
CA LEU C 153 6.63 -25.28 17.40
C LEU C 153 6.16 -26.67 17.03
N ASP C 154 4.86 -26.89 16.97
CA ASP C 154 4.33 -28.22 16.67
C ASP C 154 4.61 -28.59 15.22
N VAL C 155 5.06 -29.83 15.03
CA VAL C 155 5.40 -30.29 13.68
C VAL C 155 4.15 -30.54 12.86
N ASP C 156 3.22 -31.33 13.39
CA ASP C 156 1.99 -31.64 12.65
C ASP C 156 1.20 -30.38 12.35
N GLN C 157 1.25 -29.39 13.24
CA GLN C 157 0.60 -28.11 12.97
C GLN C 157 1.23 -27.45 11.75
N LEU C 158 2.56 -27.45 11.69
CA LEU C 158 3.26 -26.90 10.53
C LEU C 158 2.85 -27.62 9.25
N LEU C 159 2.79 -28.96 9.30
CA LEU C 159 2.46 -29.72 8.10
C LEU C 159 1.03 -29.45 7.64
N ARG C 160 0.09 -29.38 8.57
CA ARG C 160 -1.30 -29.14 8.15
C ARG C 160 -1.52 -27.69 7.75
N GLN C 161 -0.79 -26.74 8.34
CA GLN C 161 -0.77 -25.38 7.83
C GLN C 161 -0.29 -25.35 6.38
N ALA C 162 0.71 -26.17 6.07
CA ALA C 162 1.20 -26.23 4.70
C ALA C 162 0.21 -26.90 3.77
N THR C 163 -0.50 -27.92 4.26
CA THR C 163 -1.39 -28.70 3.40
C THR C 163 -2.71 -27.97 3.13
N SER C 164 -3.21 -27.21 4.11
CA SER C 164 -4.50 -26.57 3.97
C SER C 164 -4.51 -25.55 2.85
N GLN C 165 -3.37 -24.91 2.58
CA GLN C 165 -3.28 -24.00 1.45
C GLN C 165 -3.84 -24.68 0.21
N VAL C 166 -4.42 -23.88 -0.68
CA VAL C 166 -5.24 -24.43 -1.75
C VAL C 166 -4.40 -24.90 -2.93
N GLY C 167 -3.21 -24.33 -3.11
CA GLY C 167 -2.33 -24.71 -4.19
C GLY C 167 -1.20 -25.65 -3.80
N ALA C 168 -1.26 -26.23 -2.60
CA ALA C 168 -0.19 -27.08 -2.12
C ALA C 168 -0.21 -28.44 -2.81
N ARG C 169 0.95 -29.09 -2.81
CA ARG C 169 1.07 -30.47 -3.29
C ARG C 169 1.88 -31.27 -2.28
N GLN C 170 1.75 -32.58 -2.38
CA GLN C 170 2.51 -33.51 -1.55
C GLN C 170 2.99 -34.65 -2.42
N TRP C 171 4.27 -34.97 -2.31
CA TRP C 171 4.88 -35.94 -3.20
C TRP C 171 6.22 -36.38 -2.62
N ASN C 172 6.71 -37.51 -3.13
CA ASN C 172 8.00 -38.05 -2.75
C ASN C 172 9.10 -37.36 -3.55
N PHE C 173 10.22 -37.10 -2.89
CA PHE C 173 11.26 -36.28 -3.49
C PHE C 173 12.03 -37.00 -4.58
N SER C 174 11.57 -38.18 -5.01
CA SER C 174 12.07 -38.82 -6.20
C SER C 174 11.20 -38.55 -7.42
N ASP C 175 9.98 -38.08 -7.22
CA ASP C 175 9.09 -37.69 -8.30
C ASP C 175 9.20 -36.19 -8.56
N THR C 176 8.54 -35.74 -9.62
CA THR C 176 8.49 -34.34 -9.98
C THR C 176 7.05 -33.85 -9.89
N THR C 177 6.89 -32.64 -9.38
CA THR C 177 5.56 -32.06 -9.20
C THR C 177 5.64 -30.58 -9.55
N THR C 178 4.47 -29.95 -9.62
CA THR C 178 4.33 -28.56 -9.98
C THR C 178 3.50 -27.86 -8.93
N ILE C 179 4.01 -26.73 -8.43
CA ILE C 179 3.35 -25.99 -7.35
C ILE C 179 2.75 -24.72 -7.93
N PRO C 180 1.46 -24.67 -8.23
CA PRO C 180 0.89 -23.45 -8.82
C PRO C 180 0.77 -22.34 -7.80
N LEU C 181 0.89 -21.10 -8.27
CA LEU C 181 0.57 -19.93 -7.48
C LEU C 181 -0.89 -19.56 -7.73
N ILE C 182 -1.59 -19.21 -6.66
CA ILE C 182 -2.97 -18.74 -6.75
C ILE C 182 -2.96 -17.23 -6.58
N VAL C 183 -3.57 -16.54 -7.54
CA VAL C 183 -3.53 -15.09 -7.58
C VAL C 183 -4.74 -14.53 -6.85
N ARG C 184 -4.54 -13.46 -6.10
CA ARG C 184 -5.60 -12.85 -5.33
C ARG C 184 -6.70 -12.35 -6.26
N ARG C 185 -7.81 -11.93 -5.66
CA ARG C 185 -9.03 -11.61 -6.40
C ARG C 185 -9.20 -10.12 -6.65
N ASP C 186 -8.40 -9.27 -6.02
CA ASP C 186 -8.58 -7.81 -6.10
C ASP C 186 -7.53 -7.15 -6.99
N ASP C 187 -7.10 -7.83 -8.04
CA ASP C 187 -6.30 -7.25 -9.12
C ASP C 187 -5.21 -6.31 -8.62
N GLN C 188 -4.64 -6.60 -7.45
CA GLN C 188 -3.62 -5.75 -6.88
C GLN C 188 -2.34 -5.84 -7.69
N LEU C 189 -1.59 -4.74 -7.69
CA LEU C 189 -0.27 -4.68 -8.31
C LEU C 189 0.79 -4.63 -7.22
N TYR C 190 1.95 -5.20 -7.52
CA TYR C 190 3.03 -5.33 -6.56
C TYR C 190 4.24 -4.57 -7.06
N TYR C 191 5.04 -4.08 -6.12
CA TYR C 191 6.20 -3.25 -6.43
C TYR C 191 7.42 -4.12 -6.68
N THR C 192 8.30 -3.63 -7.55
CA THR C 192 9.37 -4.45 -8.12
C THR C 192 10.64 -4.48 -7.28
N GLY C 193 11.06 -3.34 -6.74
CA GLY C 193 12.38 -3.26 -6.13
C GLY C 193 12.54 -4.16 -4.93
N GLN C 194 13.63 -3.97 -4.19
CA GLN C 194 13.89 -4.79 -3.01
C GLN C 194 12.83 -4.53 -1.95
N ASP C 195 12.83 -5.38 -0.93
CA ASP C 195 11.82 -5.26 0.12
C ASP C 195 12.09 -4.06 1.00
N LYS C 196 11.03 -3.37 1.38
CA LYS C 196 11.06 -2.10 2.09
C LYS C 196 10.36 -2.28 3.43
N GLU C 197 10.07 -1.15 4.08
CA GLU C 197 9.41 -1.16 5.40
C GLU C 197 8.42 -2.32 5.53
N ASN C 198 7.55 -2.48 4.54
CA ASN C 198 6.64 -3.62 4.49
C ASN C 198 6.91 -4.43 3.23
N VAL C 199 6.47 -5.68 3.27
CA VAL C 199 6.79 -6.65 2.21
C VAL C 199 5.55 -6.93 1.38
N ARG C 200 4.37 -6.72 1.97
CA ARG C 200 3.13 -7.02 1.25
C ARG C 200 2.93 -6.09 0.06
N PHE C 201 3.73 -5.03 -0.05
CA PHE C 201 3.70 -4.20 -1.24
C PHE C 201 4.51 -4.81 -2.37
N SER C 202 5.55 -5.57 -2.04
CA SER C 202 6.52 -6.05 -3.02
C SER C 202 6.31 -7.51 -3.41
N GLN C 203 5.96 -8.36 -2.46
CA GLN C 203 5.94 -9.81 -2.69
C GLN C 203 4.52 -10.28 -2.98
N GLN C 204 4.38 -11.06 -4.06
CA GLN C 204 3.10 -11.67 -4.39
C GLN C 204 2.94 -13.05 -3.78
N GLY C 205 4.02 -13.64 -3.29
CA GLY C 205 3.94 -14.96 -2.68
C GLY C 205 5.31 -15.40 -2.19
N VAL C 206 5.29 -16.47 -1.41
CA VAL C 206 6.52 -17.05 -0.86
C VAL C 206 6.40 -18.56 -0.93
N PHE C 207 7.43 -19.21 -1.44
CA PHE C 207 7.44 -20.66 -1.64
C PHE C 207 8.14 -21.32 -0.46
N TYR C 208 7.38 -22.07 0.32
CA TYR C 208 7.91 -22.87 1.41
C TYR C 208 7.92 -24.34 1.00
N LEU C 209 9.03 -25.01 1.26
CA LEU C 209 9.19 -26.43 0.98
C LEU C 209 9.53 -27.13 2.29
N LEU C 210 8.78 -28.18 2.61
CA LEU C 210 8.80 -28.77 3.94
C LEU C 210 9.18 -30.24 3.87
N GLN C 211 9.69 -30.75 4.99
CA GLN C 211 10.12 -32.13 5.12
C GLN C 211 9.18 -32.83 6.11
N VAL C 212 8.37 -33.74 5.59
CA VAL C 212 7.35 -34.39 6.42
C VAL C 212 7.94 -35.62 7.11
N THR C 213 8.37 -36.60 6.32
CA THR C 213 8.85 -37.86 6.86
C THR C 213 10.36 -37.82 7.04
N THR C 214 10.87 -38.81 7.76
CA THR C 214 12.31 -38.97 7.87
C THR C 214 12.89 -39.37 6.52
N LEU C 215 14.15 -39.00 6.30
CA LEU C 215 14.87 -39.41 5.12
C LEU C 215 15.40 -40.82 5.32
N LEU C 216 15.03 -41.74 4.44
CA LEU C 216 15.37 -43.14 4.62
C LEU C 216 15.71 -43.76 3.27
N ASN C 217 16.46 -44.85 3.34
CA ASN C 217 17.05 -45.51 2.18
C ASN C 217 16.23 -46.74 1.82
N ILE C 218 16.78 -47.58 0.93
CA ILE C 218 16.16 -48.84 0.54
C ILE C 218 15.62 -49.53 1.78
N SER C 219 16.46 -49.70 2.80
CA SER C 219 16.03 -50.29 4.05
C SER C 219 15.14 -49.30 4.81
N GLY C 220 14.70 -49.72 5.99
CA GLY C 220 13.93 -48.84 6.84
C GLY C 220 14.82 -48.03 7.77
N GLU C 221 16.01 -47.69 7.30
CA GLU C 221 17.00 -46.98 8.08
C GLU C 221 17.01 -45.51 7.67
N ALA C 222 17.14 -44.63 8.65
CA ALA C 222 17.19 -43.20 8.38
C ALA C 222 18.62 -42.77 8.07
N ILE C 223 18.72 -41.74 7.24
CA ILE C 223 20.02 -41.21 6.82
C ILE C 223 20.32 -39.98 7.67
N THR C 224 21.62 -39.73 7.85
CA THR C 224 22.07 -38.63 8.71
C THR C 224 23.10 -37.74 8.03
N ASN C 225 23.03 -37.57 6.71
CA ASN C 225 24.04 -36.83 5.96
C ASN C 225 23.60 -35.43 5.57
N ASP C 226 22.30 -35.12 5.67
CA ASP C 226 21.78 -33.82 5.29
C ASP C 226 22.15 -33.50 3.84
N LEU C 227 21.60 -34.30 2.94
CA LEU C 227 21.99 -34.28 1.54
C LEU C 227 21.12 -33.33 0.74
N ILE C 228 21.41 -33.21 -0.56
CA ILE C 228 20.65 -32.41 -1.50
C ILE C 228 19.88 -33.37 -2.40
N SER C 229 18.69 -32.93 -2.85
CA SER C 229 17.76 -33.82 -3.51
C SER C 229 17.45 -33.41 -4.95
N GLY C 230 17.48 -32.13 -5.27
CA GLY C 230 17.09 -31.70 -6.60
C GLY C 230 17.08 -30.19 -6.72
N SER C 231 16.30 -29.71 -7.69
CA SER C 231 16.27 -28.30 -8.04
C SER C 231 14.84 -27.89 -8.31
N LEU C 232 14.61 -26.57 -8.30
CA LEU C 232 13.30 -26.00 -8.48
C LEU C 232 13.35 -24.96 -9.59
N TYR C 233 12.43 -25.08 -10.55
CA TYR C 233 12.28 -24.09 -11.61
C TYR C 233 10.98 -23.34 -11.42
N LEU C 234 10.95 -22.10 -11.92
CA LEU C 234 9.76 -21.26 -11.89
C LEU C 234 9.34 -21.00 -13.33
N ASP C 235 8.20 -21.55 -13.72
CA ASP C 235 7.60 -21.28 -15.03
C ASP C 235 6.55 -20.20 -14.81
N TRP C 236 6.89 -18.97 -15.18
CA TRP C 236 6.16 -17.79 -14.74
C TRP C 236 5.67 -16.97 -15.92
N VAL C 237 4.74 -16.07 -15.61
CA VAL C 237 4.24 -15.06 -16.54
C VAL C 237 3.90 -13.82 -15.72
N CYS C 238 4.49 -12.69 -16.11
CA CYS C 238 4.33 -11.46 -15.34
C CYS C 238 4.05 -10.31 -16.28
N GLY C 239 3.24 -9.37 -15.79
CA GLY C 239 2.97 -8.13 -16.49
C GLY C 239 3.48 -6.95 -15.67
N PHE C 240 4.45 -6.24 -16.25
CA PHE C 240 4.97 -5.01 -15.67
C PHE C 240 4.27 -3.82 -16.30
N SER C 241 4.11 -2.76 -15.51
CA SER C 241 3.21 -1.66 -15.88
C SER C 241 3.93 -0.37 -16.20
N MET C 242 4.71 0.19 -15.26
CA MET C 242 5.18 1.56 -15.39
C MET C 242 6.68 1.60 -15.62
N PRO C 243 7.15 1.96 -16.83
CA PRO C 243 8.58 2.06 -17.05
C PRO C 243 9.25 3.01 -16.06
N GLN C 244 10.45 2.64 -15.64
CA GLN C 244 11.29 3.48 -14.78
C GLN C 244 12.66 2.84 -14.69
N ILE C 245 13.49 3.36 -13.80
CA ILE C 245 14.70 2.71 -13.35
C ILE C 245 14.81 2.87 -11.84
N ASN C 246 14.80 1.75 -11.12
CA ASN C 246 14.94 1.79 -9.66
C ASN C 246 16.40 2.05 -9.30
N PRO C 247 16.67 2.83 -8.26
CA PRO C 247 18.07 3.07 -7.88
C PRO C 247 18.67 1.85 -7.20
N SER C 248 19.94 2.00 -6.80
CA SER C 248 20.64 0.95 -6.07
C SER C 248 21.97 1.46 -5.54
CA CA D . -2.12 -14.29 7.04
CA CA E . -11.17 8.48 10.09
CA CA F . -7.16 9.09 7.56
CA CA G . -7.11 -2.70 -5.36
CA CA H . -0.69 -18.03 5.00
CA CA I . 10.59 5.07 -9.56
CA CA J . 10.17 1.32 -7.28
#